data_5Y5A
#
_entry.id   5Y5A
#
_cell.length_a   108.611
_cell.length_b   41.726
_cell.length_c   147.060
_cell.angle_alpha   90.000
_cell.angle_beta   97.450
_cell.angle_gamma   90.000
#
_symmetry.space_group_name_H-M   'C 1 2 1'
#
loop_
_entity.id
_entity.type
_entity.pdbx_description
1 polymer KLLA0F20702p
2 polymer KLLA0F20922p
3 water water
#
loop_
_entity_poly.entity_id
_entity_poly.type
_entity_poly.pdbx_seq_one_letter_code
_entity_poly.pdbx_strand_id
1 'polypeptide(L)'
;DQKLNTDLQETFSGFQKQLQSVLETDFFRDDSLMKGAIQMIHSKIMQMLLQSLIPEGLHQDITTDTGSKKSEIRSSDAHR
ILDLTWKHVHYPIFKYFQNWRNRNVAEGSRPNYAGHRQLNSILQKIFPQIHKLYYSTLELIFANYNLTALIPSDTRSKLN
ISTKKLNDDASNVLKPEDSFSIDCVMASQRCLLYIGCSQRYKIIMEHLSDRYQQADFQKPLRYLDIASTIVPSVGETFLQ
RGICYTHTKNFGNAAYQFVRSSLSRLPSDAGIPNFTNLLGDPNGSLFKKLLNSLDDLKVQETIKKRIINMEIMEFYILPL
IGSHIFPQTWKNNRHSDRLKHFQTLLFDKIEIRYIKNISMIFQDLILLIGSFHMYQMINGVSSNIRSIQSETKFLEFIFK
FFTHLIDKVIMKEFKNCEMFQYLAMARIMMCWIKSHKNVLKFAHRSTSFCQSMVNLTNELLSSNDLSISFEHLHRPTRDY
FYEEDIMLKEFGPTKFTLSDFNDEKLLSMDNLPDRLVGKSKNKLTAKEEHSSRVQVLVYSNKKFLEKNCCGFKLDTEKKR
YVHTAVK
;
A
2 'polypeptide(L)' IVNPLFQLGLQREVNNDSFNEFDSQT B
#
# COMPACT_ATOMS: atom_id res chain seq x y z
N THR A 6 27.01 10.54 14.50
CA THR A 6 27.52 10.33 15.84
C THR A 6 27.38 11.59 16.70
N ASP A 7 28.21 12.59 16.42
CA ASP A 7 28.14 13.88 17.09
C ASP A 7 26.80 14.57 16.81
N LEU A 8 26.23 14.26 15.65
CA LEU A 8 24.94 14.78 15.25
C LEU A 8 23.81 14.17 16.07
N GLN A 9 23.95 12.88 16.39
CA GLN A 9 22.99 12.17 17.21
C GLN A 9 22.92 12.77 18.62
N GLU A 10 24.07 13.20 19.12
CA GLU A 10 24.16 13.78 20.46
C GLU A 10 23.39 15.08 20.56
N THR A 11 23.36 15.82 19.46
CA THR A 11 22.72 17.12 19.43
C THR A 11 21.20 17.00 19.56
N PHE A 12 20.62 16.03 18.85
CA PHE A 12 19.18 15.88 18.84
C PHE A 12 18.67 15.24 20.12
N SER A 13 19.47 14.38 20.72
CA SER A 13 19.14 13.83 22.03
C SER A 13 19.00 14.98 23.03
N GLY A 14 19.87 15.97 22.88
CA GLY A 14 19.84 17.16 23.72
C GLY A 14 18.59 18.00 23.52
N PHE A 15 18.10 18.06 22.30
CA PHE A 15 16.85 18.78 22.02
C PHE A 15 15.72 18.12 22.79
N GLN A 16 15.69 16.79 22.70
CA GLN A 16 14.66 16.00 23.37
C GLN A 16 14.67 16.27 24.88
N LYS A 17 15.83 16.13 25.50
CA LYS A 17 15.96 16.31 26.94
C LYS A 17 15.59 17.73 27.38
N GLN A 18 15.93 18.72 26.55
CA GLN A 18 15.54 20.10 26.79
C GLN A 18 14.02 20.25 26.84
N LEU A 19 13.34 19.67 25.87
CA LEU A 19 11.90 19.81 25.73
C LEU A 19 11.12 19.01 26.77
N GLN A 20 11.71 17.91 27.24
CA GLN A 20 11.07 17.10 28.27
C GLN A 20 10.91 17.89 29.56
N SER A 21 11.95 18.66 29.88
CA SER A 21 11.90 19.54 31.04
C SER A 21 10.83 20.61 30.85
N VAL A 22 10.59 20.97 29.60
CA VAL A 22 9.56 21.95 29.26
C VAL A 22 8.22 21.26 29.00
N ASP A 31 3.95 28.23 28.97
CA ASP A 31 3.12 29.12 28.17
C ASP A 31 3.94 29.77 27.05
N SER A 32 4.89 30.62 27.42
CA SER A 32 5.68 31.37 26.46
C SER A 32 7.05 30.73 26.23
N LEU A 33 7.76 30.43 27.32
CA LEU A 33 9.09 29.83 27.22
C LEU A 33 9.00 28.43 26.62
N MET A 34 7.79 27.88 26.58
CA MET A 34 7.54 26.62 25.91
C MET A 34 7.64 26.79 24.40
N LYS A 35 7.13 27.92 23.91
CA LYS A 35 7.23 28.24 22.50
C LYS A 35 8.64 28.69 22.17
N GLY A 36 9.25 29.42 23.10
CA GLY A 36 10.60 29.92 22.93
C GLY A 36 11.61 28.81 22.71
N ALA A 37 11.51 27.76 23.51
CA ALA A 37 12.40 26.61 23.37
C ALA A 37 12.26 25.97 22.00
N ILE A 38 11.04 25.84 21.53
CA ILE A 38 10.81 25.23 20.24
C ILE A 38 11.39 26.08 19.15
N GLN A 39 11.24 27.38 19.28
CA GLN A 39 11.74 28.30 18.27
C GLN A 39 13.25 28.25 18.15
N MET A 40 13.93 28.12 19.28
CA MET A 40 15.38 28.04 19.28
C MET A 40 15.87 26.77 18.61
N ILE A 41 15.22 25.66 18.92
CA ILE A 41 15.58 24.37 18.36
C ILE A 41 15.28 24.31 16.87
N HIS A 42 14.12 24.85 16.48
CA HIS A 42 13.76 24.96 15.08
C HIS A 42 14.77 25.79 14.30
N SER A 43 15.27 26.84 14.94
CA SER A 43 16.24 27.74 14.31
C SER A 43 17.56 27.04 14.02
N LYS A 44 17.97 26.16 14.93
CA LYS A 44 19.21 25.41 14.75
C LYS A 44 19.05 24.36 13.67
N ILE A 45 17.90 23.70 13.66
CA ILE A 45 17.64 22.63 12.72
C ILE A 45 17.55 23.18 11.30
N MET A 46 16.82 24.28 11.14
CA MET A 46 16.69 24.95 9.84
C MET A 46 18.08 25.28 9.30
N GLN A 47 18.99 25.58 10.21
CA GLN A 47 20.37 25.90 9.86
C GLN A 47 21.16 24.67 9.44
N MET A 48 20.91 23.54 10.09
CA MET A 48 21.54 22.28 9.69
C MET A 48 21.10 21.93 8.28
N LEU A 49 19.80 22.12 8.03
CA LEU A 49 19.19 21.78 6.75
C LEU A 49 19.68 22.68 5.63
N LEU A 50 19.97 23.93 5.96
CA LEU A 50 20.55 24.86 5.00
C LEU A 50 21.94 24.39 4.61
N GLN A 51 22.78 24.13 5.60
CA GLN A 51 24.13 23.61 5.37
C GLN A 51 24.09 22.30 4.59
N SER A 52 22.98 21.57 4.71
CA SER A 52 22.83 20.28 4.05
C SER A 52 22.35 20.39 2.60
N LEU A 53 21.80 21.53 2.21
CA LEU A 53 21.09 21.59 0.94
C LEU A 53 21.48 22.75 0.03
N ILE A 54 22.46 23.55 0.43
CA ILE A 54 22.94 24.64 -0.42
C ILE A 54 24.41 24.43 -0.79
N SER A 76 23.42 14.05 2.20
CA SER A 76 22.91 12.82 2.80
C SER A 76 22.42 13.09 4.20
N ASP A 77 22.73 14.29 4.69
CA ASP A 77 22.34 14.67 6.03
C ASP A 77 20.88 15.05 6.10
N ALA A 78 20.34 15.57 4.99
CA ALA A 78 19.03 16.21 4.99
C ALA A 78 17.90 15.35 5.56
N HIS A 79 17.65 14.20 4.95
CA HIS A 79 16.55 13.35 5.38
C HIS A 79 16.83 12.74 6.75
N ARG A 80 18.11 12.66 7.11
CA ARG A 80 18.50 12.18 8.43
C ARG A 80 18.21 13.23 9.48
N ILE A 81 18.47 14.48 9.14
CA ILE A 81 18.19 15.59 10.03
C ILE A 81 16.69 15.66 10.33
N LEU A 82 15.87 15.38 9.33
CA LEU A 82 14.42 15.42 9.49
C LEU A 82 13.90 14.24 10.31
N ASP A 83 14.57 13.09 10.19
CA ASP A 83 14.17 11.90 10.96
C ASP A 83 14.51 12.09 12.44
N LEU A 84 15.69 12.63 12.73
CA LEU A 84 16.04 12.95 14.10
C LEU A 84 15.15 14.05 14.66
N THR A 85 14.62 14.88 13.77
CA THR A 85 13.73 15.97 14.16
C THR A 85 12.38 15.42 14.62
N TRP A 86 11.83 14.52 13.83
CA TRP A 86 10.59 13.87 14.19
C TRP A 86 10.74 13.09 15.49
N LYS A 87 11.74 12.24 15.54
CA LYS A 87 11.96 11.32 16.67
C LYS A 87 12.22 12.03 17.99
N HIS A 88 13.06 13.06 17.96
CA HIS A 88 13.56 13.65 19.21
C HIS A 88 12.89 14.96 19.59
N VAL A 89 12.28 15.62 18.61
CA VAL A 89 11.67 16.93 18.85
C VAL A 89 10.15 16.89 18.73
N HIS A 90 9.66 16.50 17.57
CA HIS A 90 8.25 16.50 17.32
C HIS A 90 7.46 15.36 17.90
N TYR A 91 7.89 14.14 17.65
CA TYR A 91 7.16 12.99 18.19
C TYR A 91 6.96 13.08 19.72
N PRO A 92 8.02 13.41 20.49
CA PRO A 92 7.79 13.44 21.94
C PRO A 92 6.78 14.51 22.36
N ILE A 93 6.71 15.61 21.62
CA ILE A 93 5.69 16.62 21.87
C ILE A 93 4.30 16.07 21.58
N PHE A 94 4.13 15.51 20.39
CA PHE A 94 2.84 14.98 19.96
C PHE A 94 2.34 13.85 20.87
N LYS A 95 3.29 13.04 21.34
CA LYS A 95 2.96 11.95 22.26
C LYS A 95 2.37 12.51 23.56
N TYR A 96 2.94 13.60 24.07
CA TYR A 96 2.49 14.19 25.32
C TYR A 96 1.06 14.71 25.20
N PHE A 97 0.74 15.28 24.05
CA PHE A 97 -0.63 15.74 23.78
C PHE A 97 -1.61 14.57 23.68
N GLN A 98 -1.10 13.42 23.26
CA GLN A 98 -1.91 12.24 23.16
C GLN A 98 -2.23 11.76 24.55
N ASN A 99 -1.21 11.49 25.32
CA ASN A 99 -1.36 11.05 26.71
C ASN A 99 -2.32 11.94 27.48
N TRP A 100 -2.16 13.24 27.28
CA TRP A 100 -2.99 14.21 27.96
C TRP A 100 -4.43 14.16 27.44
N ARG A 101 -4.60 14.05 26.12
CA ARG A 101 -5.93 13.93 25.53
C ARG A 101 -6.66 12.72 26.09
N ASN A 102 -5.90 11.66 26.37
CA ASN A 102 -6.46 10.45 26.93
C ASN A 102 -6.76 10.58 28.42
N ARG A 103 -6.33 11.69 29.02
CA ARG A 103 -6.78 12.04 30.37
C ARG A 103 -8.20 12.56 30.31
N ASN A 104 -8.53 13.19 29.19
CA ASN A 104 -9.85 13.77 28.98
C ASN A 104 -10.94 12.71 28.78
N VAL A 105 -10.65 11.71 27.94
CA VAL A 105 -11.63 10.70 27.57
C VAL A 105 -11.83 9.65 28.69
N ALA A 106 -10.90 9.60 29.64
CA ALA A 106 -11.03 8.71 30.78
C ALA A 106 -10.56 9.38 32.07
N PRO A 111 -17.13 14.27 30.95
CA PRO A 111 -15.75 14.33 30.46
C PRO A 111 -15.09 15.68 30.77
N ASN A 112 -13.82 15.84 30.39
CA ASN A 112 -13.08 17.06 30.70
C ASN A 112 -13.18 18.13 29.61
N TYR A 113 -14.28 18.87 29.63
CA TYR A 113 -14.49 19.97 28.68
C TYR A 113 -13.40 21.02 28.79
N ALA A 114 -13.20 21.52 30.01
CA ALA A 114 -12.17 22.51 30.30
C ALA A 114 -10.81 22.00 29.85
N GLY A 115 -10.66 20.69 29.85
CA GLY A 115 -9.45 20.07 29.35
C GLY A 115 -9.24 20.17 27.85
N HIS A 116 -10.28 19.87 27.08
CA HIS A 116 -10.23 19.85 25.63
C HIS A 116 -9.72 21.17 25.06
N ARG A 117 -10.47 22.24 25.27
CA ARG A 117 -10.17 23.54 24.69
C ARG A 117 -8.87 24.16 25.21
N GLN A 118 -8.50 23.84 26.44
CA GLN A 118 -7.29 24.42 27.02
C GLN A 118 -6.03 23.87 26.36
N LEU A 119 -5.96 22.55 26.24
CA LEU A 119 -4.78 21.92 25.64
C LEU A 119 -4.85 22.02 24.12
N ASN A 120 -6.05 22.21 23.58
CA ASN A 120 -6.18 22.54 22.17
C ASN A 120 -5.72 23.98 21.90
N SER A 121 -5.68 24.80 22.95
CA SER A 121 -5.24 26.18 22.80
C SER A 121 -3.72 26.27 22.73
N ILE A 122 -3.05 25.57 23.64
CA ILE A 122 -1.58 25.54 23.63
C ILE A 122 -1.06 24.79 22.40
N LEU A 123 -1.85 23.85 21.90
CA LEU A 123 -1.46 23.09 20.72
C LEU A 123 -1.41 23.99 19.50
N GLN A 124 -2.38 24.88 19.39
CA GLN A 124 -2.48 25.76 18.25
C GLN A 124 -1.44 26.88 18.31
N LYS A 125 -0.76 26.98 19.46
CA LYS A 125 0.38 27.89 19.60
C LYS A 125 1.63 27.27 18.98
N ILE A 126 1.69 25.94 18.99
CA ILE A 126 2.89 25.21 18.61
C ILE A 126 2.83 24.65 17.20
N PHE A 127 1.67 24.13 16.82
CA PHE A 127 1.53 23.40 15.56
C PHE A 127 1.95 24.16 14.30
N PRO A 128 1.65 25.47 14.21
CA PRO A 128 2.11 26.15 12.99
C PRO A 128 3.63 26.18 12.82
N GLN A 129 4.38 26.11 13.91
CA GLN A 129 5.83 26.11 13.83
C GLN A 129 6.34 24.77 13.32
N ILE A 130 5.79 23.71 13.89
CA ILE A 130 6.12 22.35 13.49
C ILE A 130 5.86 22.17 12.00
N HIS A 131 4.69 22.61 11.56
CA HIS A 131 4.33 22.50 10.16
C HIS A 131 5.27 23.32 9.30
N LYS A 132 5.70 24.47 9.81
CA LYS A 132 6.57 25.36 9.05
C LYS A 132 7.96 24.76 8.86
N LEU A 133 8.47 24.06 9.86
CA LEU A 133 9.79 23.45 9.75
C LEU A 133 9.89 22.51 8.56
N TYR A 134 8.83 21.75 8.32
CA TYR A 134 8.84 20.78 7.23
C TYR A 134 8.51 21.41 5.88
N TYR A 135 7.53 22.30 5.86
CA TYR A 135 7.12 22.95 4.63
C TYR A 135 8.16 23.98 4.15
N SER A 136 8.91 24.57 5.09
CA SER A 136 10.01 25.46 4.73
C SER A 136 11.04 24.71 3.91
N THR A 137 11.33 23.50 4.36
CA THR A 137 12.36 22.67 3.75
C THR A 137 11.94 22.32 2.32
N LEU A 138 10.68 21.92 2.15
CA LEU A 138 10.13 21.68 0.82
C LEU A 138 10.29 22.90 -0.09
N GLU A 139 9.81 24.04 0.37
CA GLU A 139 9.91 25.30 -0.38
C GLU A 139 11.37 25.63 -0.69
N LEU A 140 12.25 25.40 0.28
CA LEU A 140 13.68 25.60 0.08
C LEU A 140 14.17 24.72 -1.06
N ILE A 141 13.83 23.44 -0.99
CA ILE A 141 14.28 22.46 -1.95
C ILE A 141 13.82 22.79 -3.37
N PHE A 142 12.54 23.02 -3.52
CA PHE A 142 11.96 23.32 -4.80
C PHE A 142 12.38 24.66 -5.37
N ALA A 143 12.92 25.52 -4.53
CA ALA A 143 13.37 26.84 -4.96
C ALA A 143 14.77 26.81 -5.57
N ASN A 144 15.58 25.87 -5.10
CA ASN A 144 16.96 25.75 -5.58
C ASN A 144 17.13 24.79 -6.76
N TYR A 145 16.41 23.68 -6.72
CA TYR A 145 16.69 22.60 -7.67
C TYR A 145 15.46 22.16 -8.48
N ASN A 146 15.70 21.79 -9.74
CA ASN A 146 14.66 21.24 -10.60
C ASN A 146 14.59 19.72 -10.44
N LEU A 147 13.44 19.22 -10.03
CA LEU A 147 13.32 17.81 -9.71
C LEU A 147 12.62 17.02 -10.80
N THR A 148 12.47 17.60 -11.98
CA THR A 148 11.65 17.00 -13.03
C THR A 148 12.26 15.73 -13.63
N ALA A 149 13.52 15.47 -13.35
CA ALA A 149 14.16 14.25 -13.83
C ALA A 149 13.85 13.07 -12.91
N LEU A 150 13.29 13.36 -11.74
CA LEU A 150 13.08 12.34 -10.72
C LEU A 150 11.64 12.30 -10.22
N ILE A 151 10.96 13.43 -10.36
CA ILE A 151 9.66 13.65 -9.74
C ILE A 151 8.64 14.01 -10.83
N PRO A 152 7.37 13.58 -10.67
CA PRO A 152 6.33 14.04 -11.59
C PRO A 152 6.24 15.56 -11.62
N SER A 153 6.06 16.13 -12.81
CA SER A 153 6.11 17.57 -13.00
C SER A 153 5.04 18.34 -12.21
N ASP A 154 3.88 17.73 -12.05
CA ASP A 154 2.76 18.38 -11.39
C ASP A 154 2.89 18.40 -9.87
N THR A 155 3.99 17.85 -9.37
CA THR A 155 4.22 17.81 -7.93
C THR A 155 4.33 19.20 -7.33
N ARG A 156 5.01 20.11 -7.99
CA ARG A 156 5.09 21.47 -7.49
C ARG A 156 3.71 22.02 -7.34
N SER A 157 2.90 21.89 -8.39
CA SER A 157 1.54 22.39 -8.35
C SER A 157 0.79 21.89 -7.12
N LYS A 158 0.83 20.58 -6.89
CA LYS A 158 0.12 19.96 -5.77
C LYS A 158 0.56 20.47 -4.41
N LEU A 159 1.74 21.07 -4.34
CA LEU A 159 2.28 21.56 -3.08
C LEU A 159 2.16 23.08 -2.96
N ASN A 160 1.46 23.68 -3.91
CA ASN A 160 1.30 25.13 -4.00
C ASN A 160 2.62 25.88 -3.94
N ILE A 161 3.66 25.25 -4.48
CA ILE A 161 4.97 25.87 -4.57
C ILE A 161 5.09 26.55 -5.92
N SER A 162 5.50 27.82 -5.92
CA SER A 162 5.65 28.55 -7.16
C SER A 162 6.85 28.05 -7.96
N THR A 163 7.03 28.61 -9.15
CA THR A 163 8.11 28.22 -10.04
C THR A 163 9.24 29.25 -10.00
N ASP A 169 18.14 27.93 -14.07
CA ASP A 169 19.46 27.62 -14.59
C ASP A 169 19.53 26.20 -15.14
N ALA A 170 20.49 25.96 -16.03
CA ALA A 170 20.68 24.64 -16.63
C ALA A 170 21.24 23.65 -15.64
N SER A 171 22.09 24.13 -14.74
CA SER A 171 22.73 23.26 -13.76
C SER A 171 21.83 23.05 -12.54
N ASN A 172 20.72 23.79 -12.49
CA ASN A 172 19.75 23.64 -11.42
C ASN A 172 18.99 22.32 -11.50
N VAL A 173 19.06 21.67 -12.67
CA VAL A 173 18.34 20.43 -12.89
C VAL A 173 19.13 19.23 -12.39
N LEU A 174 18.60 18.56 -11.37
CA LEU A 174 19.27 17.43 -10.76
C LEU A 174 19.20 16.18 -11.62
N LYS A 175 20.37 15.58 -11.89
CA LYS A 175 20.44 14.35 -12.65
C LYS A 175 19.98 13.19 -11.79
N PRO A 176 19.23 12.25 -12.39
CA PRO A 176 18.54 11.19 -11.63
C PRO A 176 19.46 10.20 -10.92
N GLU A 177 20.77 10.35 -11.03
CA GLU A 177 21.66 9.33 -10.50
C GLU A 177 22.66 9.81 -9.45
N ASP A 178 22.80 11.12 -9.30
CA ASP A 178 23.66 11.70 -8.26
C ASP A 178 23.18 11.28 -6.87
N SER A 179 24.10 11.22 -5.91
CA SER A 179 23.75 11.00 -4.52
C SER A 179 22.89 12.14 -4.00
N PHE A 180 23.27 13.37 -4.35
CA PHE A 180 22.57 14.56 -3.88
C PHE A 180 21.11 14.61 -4.33
N SER A 181 20.86 14.15 -5.55
CA SER A 181 19.50 14.12 -6.08
C SER A 181 18.62 13.20 -5.26
N ILE A 182 19.17 12.06 -4.86
CA ILE A 182 18.44 11.12 -4.01
C ILE A 182 18.14 11.75 -2.65
N ASP A 183 19.13 12.44 -2.08
CA ASP A 183 18.98 13.09 -0.79
C ASP A 183 17.89 14.13 -0.79
N CYS A 184 17.77 14.86 -1.90
CA CYS A 184 16.76 15.90 -2.05
C CYS A 184 15.36 15.33 -2.08
N VAL A 185 15.18 14.24 -2.84
CA VAL A 185 13.87 13.61 -2.96
C VAL A 185 13.48 12.96 -1.65
N MET A 186 14.44 12.27 -1.02
CA MET A 186 14.20 11.68 0.29
C MET A 186 13.86 12.74 1.34
N ALA A 187 14.52 13.89 1.27
CA ALA A 187 14.21 14.97 2.20
C ALA A 187 12.78 15.43 2.00
N SER A 188 12.38 15.55 0.73
CA SER A 188 11.03 15.95 0.40
C SER A 188 10.02 14.94 0.91
N GLN A 189 10.31 13.67 0.68
CA GLN A 189 9.46 12.59 1.13
C GLN A 189 9.28 12.63 2.65
N ARG A 190 10.36 12.92 3.36
CA ARG A 190 10.27 13.02 4.81
C ARG A 190 9.40 14.20 5.23
N CYS A 191 9.55 15.31 4.54
CA CYS A 191 8.74 16.50 4.84
C CYS A 191 7.27 16.19 4.66
N LEU A 192 6.94 15.54 3.54
CA LEU A 192 5.57 15.16 3.28
C LEU A 192 5.08 14.12 4.28
N LEU A 193 5.95 13.20 4.67
CA LEU A 193 5.60 12.17 5.67
C LEU A 193 5.27 12.77 7.03
N TYR A 194 6.10 13.70 7.49
CA TYR A 194 5.94 14.21 8.85
C TYR A 194 4.90 15.33 8.93
N ILE A 195 4.65 15.99 7.82
CA ILE A 195 3.50 16.88 7.75
C ILE A 195 2.26 16.02 7.91
N GLY A 196 2.23 14.88 7.21
CA GLY A 196 1.12 13.94 7.29
C GLY A 196 0.82 13.49 8.71
N CYS A 197 1.84 12.97 9.39
CA CYS A 197 1.71 12.56 10.79
C CYS A 197 1.23 13.68 11.69
N SER A 198 1.80 14.87 11.50
CA SER A 198 1.45 16.03 12.33
C SER A 198 -0.01 16.38 12.14
N GLN A 199 -0.46 16.40 10.89
CA GLN A 199 -1.85 16.66 10.54
C GLN A 199 -2.79 15.63 11.17
N ARG A 200 -2.38 14.36 11.17
CA ARG A 200 -3.19 13.33 11.77
C ARG A 200 -3.34 13.60 13.26
N TYR A 201 -2.22 13.88 13.91
CA TYR A 201 -2.21 14.19 15.34
C TYR A 201 -3.08 15.39 15.68
N LYS A 202 -3.07 16.41 14.85
CA LYS A 202 -3.86 17.57 15.11
C LYS A 202 -5.32 17.24 15.05
N ILE A 203 -5.73 16.57 14.00
CA ILE A 203 -7.13 16.19 13.81
C ILE A 203 -7.67 15.42 15.01
N ILE A 204 -6.87 14.50 15.52
CA ILE A 204 -7.24 13.74 16.71
C ILE A 204 -7.46 14.66 17.93
N MET A 205 -6.58 15.62 18.14
CA MET A 205 -6.75 16.50 19.26
C MET A 205 -7.95 17.43 19.05
N GLU A 206 -8.11 17.91 17.83
CA GLU A 206 -9.19 18.83 17.52
C GLU A 206 -10.57 18.17 17.55
N HIS A 207 -10.59 16.85 17.72
CA HIS A 207 -11.85 16.12 17.76
C HIS A 207 -12.40 15.95 19.16
N LEU A 208 -13.70 16.05 19.30
CA LEU A 208 -14.28 15.90 20.61
C LEU A 208 -14.42 14.44 20.97
N SER A 209 -14.95 13.65 20.06
CA SER A 209 -15.15 12.23 20.32
C SER A 209 -14.13 11.39 19.57
N ASP A 210 -14.20 10.07 19.78
CA ASP A 210 -13.37 9.14 19.05
C ASP A 210 -14.14 8.62 17.84
N ARG A 211 -15.24 9.32 17.52
CA ARG A 211 -15.99 9.07 16.29
C ARG A 211 -15.45 9.95 15.16
N TYR A 212 -15.00 9.32 14.08
CA TYR A 212 -14.46 10.06 12.94
C TYR A 212 -15.09 9.62 11.61
N GLN A 213 -15.68 10.56 10.88
CA GLN A 213 -16.21 10.27 9.56
C GLN A 213 -15.06 10.02 8.59
N GLN A 214 -15.40 9.61 7.37
CA GLN A 214 -14.40 9.19 6.39
C GLN A 214 -13.41 10.29 6.00
N ALA A 215 -13.93 11.49 5.75
CA ALA A 215 -13.15 12.56 5.16
C ALA A 215 -12.44 13.43 6.19
N ASP A 216 -12.48 13.02 7.45
CA ASP A 216 -11.83 13.79 8.51
C ASP A 216 -10.31 13.79 8.37
N PHE A 217 -9.78 12.77 7.71
CA PHE A 217 -8.33 12.63 7.56
C PHE A 217 -7.92 12.87 6.13
N GLN A 218 -8.76 13.58 5.40
CA GLN A 218 -8.52 13.88 4.00
C GLN A 218 -7.20 14.64 3.81
N LYS A 219 -6.92 15.59 4.70
CA LYS A 219 -5.75 16.44 4.55
C LYS A 219 -4.43 15.69 4.81
N PRO A 220 -4.34 14.92 5.91
CA PRO A 220 -3.09 14.18 6.03
C PRO A 220 -2.94 13.12 4.95
N LEU A 221 -4.06 12.53 4.51
CA LEU A 221 -4.01 11.51 3.48
C LEU A 221 -3.49 12.08 2.16
N ARG A 222 -3.78 13.34 1.88
CA ARG A 222 -3.28 13.95 0.64
C ARG A 222 -1.76 14.07 0.67
N TYR A 223 -1.21 14.53 1.80
CA TYR A 223 0.24 14.65 1.96
C TYR A 223 0.91 13.30 1.87
N LEU A 224 0.32 12.30 2.53
CA LEU A 224 0.85 10.95 2.52
C LEU A 224 0.79 10.36 1.11
N ASP A 225 -0.29 10.65 0.39
CA ASP A 225 -0.42 10.19 -0.99
C ASP A 225 0.71 10.73 -1.85
N ILE A 226 1.02 12.01 -1.67
CA ILE A 226 2.10 12.62 -2.42
C ILE A 226 3.44 12.00 -2.03
N ALA A 227 3.64 11.79 -0.72
CA ALA A 227 4.85 11.12 -0.23
C ALA A 227 5.04 9.73 -0.85
N SER A 228 3.97 8.94 -0.89
CA SER A 228 3.98 7.62 -1.51
C SER A 228 4.26 7.68 -3.00
N THR A 229 3.79 8.74 -3.64
CA THR A 229 3.94 8.84 -5.07
C THR A 229 5.43 9.04 -5.42
N ILE A 230 6.10 9.97 -4.76
CA ILE A 230 7.48 10.29 -5.16
C ILE A 230 8.53 9.25 -4.73
N VAL A 231 8.27 8.51 -3.64
CA VAL A 231 9.14 7.42 -3.22
C VAL A 231 8.31 6.25 -2.68
N PRO A 232 7.70 5.48 -3.59
CA PRO A 232 6.77 4.42 -3.16
C PRO A 232 7.44 3.28 -2.40
N SER A 233 8.76 3.20 -2.44
CA SER A 233 9.47 2.14 -1.71
C SER A 233 9.36 2.27 -0.18
N VAL A 234 9.05 3.48 0.29
CA VAL A 234 9.09 3.73 1.73
C VAL A 234 7.81 3.25 2.40
N GLY A 235 7.95 2.17 3.19
CA GLY A 235 6.82 1.56 3.85
C GLY A 235 6.12 2.47 4.84
N GLU A 236 6.88 3.35 5.49
CA GLU A 236 6.34 4.15 6.58
C GLU A 236 5.15 5.01 6.15
N THR A 237 5.14 5.42 4.89
CA THR A 237 4.03 6.21 4.37
C THR A 237 2.72 5.42 4.38
N PHE A 238 2.79 4.17 3.98
CA PHE A 238 1.64 3.28 4.01
C PHE A 238 1.21 3.02 5.45
N LEU A 239 2.18 2.87 6.34
CA LEU A 239 1.88 2.63 7.75
C LEU A 239 1.04 3.78 8.32
N GLN A 240 1.46 5.00 8.05
CA GLN A 240 0.77 6.15 8.61
C GLN A 240 -0.62 6.32 8.01
N ARG A 241 -0.75 5.96 6.74
CA ARG A 241 -2.06 5.95 6.10
C ARG A 241 -2.99 4.96 6.80
N GLY A 242 -2.47 3.78 7.09
CA GLY A 242 -3.22 2.76 7.78
C GLY A 242 -3.66 3.22 9.15
N ILE A 243 -2.81 4.01 9.79
CA ILE A 243 -3.13 4.52 11.12
C ILE A 243 -4.33 5.46 11.01
N CYS A 244 -4.36 6.29 9.97
CA CYS A 244 -5.54 7.12 9.72
C CYS A 244 -6.79 6.23 9.59
N TYR A 245 -6.70 5.13 8.86
CA TYR A 245 -7.89 4.31 8.62
C TYR A 245 -8.36 3.58 9.88
N THR A 246 -7.46 3.36 10.84
CA THR A 246 -7.90 2.79 12.12
C THR A 246 -8.84 3.73 12.86
N HIS A 247 -8.67 5.05 12.66
CA HIS A 247 -9.52 6.01 13.37
C HIS A 247 -10.94 6.02 12.81
N THR A 248 -11.06 5.81 11.51
CA THR A 248 -12.37 5.81 10.87
C THR A 248 -12.97 4.41 10.88
N LYS A 249 -12.26 3.50 11.56
CA LYS A 249 -12.62 2.10 11.63
C LYS A 249 -12.76 1.45 10.25
N ASN A 250 -11.92 1.87 9.31
CA ASN A 250 -11.79 1.14 8.06
C ASN A 250 -10.65 0.14 8.20
N PHE A 251 -10.93 -0.95 8.93
CA PHE A 251 -9.88 -1.87 9.33
C PHE A 251 -9.35 -2.70 8.18
N GLY A 252 -10.17 -2.93 7.16
CA GLY A 252 -9.66 -3.62 5.97
C GLY A 252 -8.68 -2.74 5.21
N ASN A 253 -9.02 -1.46 5.04
CA ASN A 253 -8.10 -0.48 4.48
C ASN A 253 -6.82 -0.42 5.34
N ALA A 254 -6.98 -0.53 6.66
CA ALA A 254 -5.84 -0.45 7.57
C ALA A 254 -4.91 -1.64 7.40
N ALA A 255 -5.50 -2.84 7.42
CA ALA A 255 -4.76 -4.08 7.19
C ALA A 255 -4.01 -4.04 5.87
N TYR A 256 -4.67 -3.58 4.83
CA TYR A 256 -4.06 -3.49 3.51
C TYR A 256 -2.85 -2.55 3.53
N GLN A 257 -3.02 -1.38 4.12
CA GLN A 257 -1.93 -0.41 4.23
C GLN A 257 -0.80 -0.97 5.10
N PHE A 258 -1.16 -1.67 6.15
CA PHE A 258 -0.15 -2.32 6.99
C PHE A 258 0.65 -3.36 6.21
N VAL A 259 -0.03 -4.09 5.34
CA VAL A 259 0.63 -5.10 4.52
C VAL A 259 1.56 -4.43 3.52
N ARG A 260 1.09 -3.36 2.88
CA ARG A 260 1.93 -2.61 1.95
C ARG A 260 3.18 -2.05 2.64
N SER A 261 3.06 -1.75 3.93
CA SER A 261 4.13 -1.10 4.66
C SER A 261 5.18 -2.12 5.07
N SER A 262 4.78 -3.38 5.11
CA SER A 262 5.67 -4.46 5.53
C SER A 262 6.39 -5.06 4.36
N LEU A 263 5.86 -4.86 3.15
CA LEU A 263 6.35 -5.56 1.96
C LEU A 263 6.88 -4.63 0.86
N SER A 264 6.98 -3.34 1.15
CA SER A 264 7.56 -2.42 0.18
C SER A 264 9.07 -2.63 0.19
N ARG A 265 9.76 -2.13 -0.83
CA ARG A 265 11.19 -2.38 -0.97
C ARG A 265 11.99 -1.86 0.23
N LEU A 266 11.51 -0.79 0.86
CA LEU A 266 12.07 -0.30 2.13
C LEU A 266 10.98 -0.28 3.21
N PRO A 267 10.72 -1.44 3.83
CA PRO A 267 9.52 -1.59 4.67
C PRO A 267 9.60 -0.90 6.03
N SER A 268 8.44 -0.66 6.64
CA SER A 268 8.43 -0.14 8.01
C SER A 268 8.57 -1.29 9.00
N ASP A 269 9.42 -1.09 10.01
CA ASP A 269 9.54 -2.04 11.11
C ASP A 269 8.25 -2.17 11.92
N ALA A 270 7.42 -1.13 11.94
CA ALA A 270 6.16 -1.19 12.67
C ALA A 270 5.08 -1.89 11.85
N GLY A 271 5.41 -2.27 10.62
CA GLY A 271 4.44 -2.89 9.72
C GLY A 271 3.80 -4.15 10.26
N ILE A 272 4.63 -5.13 10.58
CA ILE A 272 4.16 -6.38 11.14
C ILE A 272 3.57 -6.24 12.57
N PRO A 273 4.20 -5.43 13.45
CA PRO A 273 3.54 -5.22 14.76
C PRO A 273 2.10 -4.71 14.64
N ASN A 274 1.85 -3.75 13.77
CA ASN A 274 0.49 -3.24 13.60
C ASN A 274 -0.47 -4.24 12.98
N PHE A 275 -0.03 -4.90 11.91
CA PHE A 275 -0.76 -6.03 11.33
C PHE A 275 -1.16 -7.04 12.40
N THR A 276 -0.21 -7.36 13.28
CA THR A 276 -0.40 -8.35 14.33
C THR A 276 -1.34 -7.84 15.42
N ASN A 277 -1.23 -6.55 15.72
CA ASN A 277 -2.08 -5.93 16.72
C ASN A 277 -3.54 -5.99 16.27
N LEU A 278 -3.73 -5.93 14.95
CA LEU A 278 -5.07 -5.97 14.35
C LEU A 278 -5.64 -7.38 14.20
N LEU A 279 -4.80 -8.33 13.80
CA LEU A 279 -5.31 -9.64 13.40
C LEU A 279 -4.82 -10.80 14.23
N GLY A 280 -3.81 -10.58 15.06
CA GLY A 280 -3.15 -11.71 15.70
C GLY A 280 -3.05 -11.68 17.21
N ASP A 281 -3.16 -10.49 17.78
CA ASP A 281 -3.06 -10.30 19.22
C ASP A 281 -4.46 -10.23 19.89
N PRO A 282 -4.82 -11.28 20.66
CA PRO A 282 -6.09 -11.30 21.39
C PRO A 282 -6.28 -10.04 22.24
N ASN A 283 -5.18 -9.44 22.67
CA ASN A 283 -5.23 -8.25 23.52
C ASN A 283 -4.90 -6.96 22.81
N GLY A 284 -4.73 -7.01 21.50
CA GLY A 284 -4.44 -5.81 20.74
C GLY A 284 -5.65 -4.91 20.71
N SER A 285 -5.45 -3.62 20.97
CA SER A 285 -6.57 -2.68 20.92
C SER A 285 -7.24 -2.72 19.53
N LEU A 286 -6.44 -2.84 18.48
CA LEU A 286 -6.98 -2.88 17.11
C LEU A 286 -7.82 -4.12 16.87
N PHE A 287 -7.33 -5.26 17.36
CA PHE A 287 -8.04 -6.54 17.25
C PHE A 287 -9.40 -6.51 17.95
N LYS A 288 -9.43 -5.95 19.16
CA LYS A 288 -10.67 -5.88 19.94
C LYS A 288 -11.69 -5.01 19.22
N LYS A 289 -11.21 -3.94 18.60
CA LYS A 289 -12.06 -3.07 17.80
C LYS A 289 -12.58 -3.78 16.57
N LEU A 290 -11.72 -4.58 15.93
CA LEU A 290 -12.12 -5.37 14.78
C LEU A 290 -13.30 -6.26 15.14
N LEU A 291 -13.22 -6.88 16.30
CA LEU A 291 -14.28 -7.77 16.75
C LEU A 291 -15.59 -7.01 16.98
N ASN A 292 -15.48 -5.77 17.46
CA ASN A 292 -16.66 -4.92 17.62
C ASN A 292 -17.31 -4.57 16.29
N SER A 293 -16.47 -4.29 15.29
CA SER A 293 -16.94 -4.03 13.94
C SER A 293 -17.65 -5.25 13.37
N LEU A 294 -17.06 -6.42 13.58
CA LEU A 294 -17.68 -7.64 13.12
C LEU A 294 -19.03 -7.84 13.83
N ASP A 295 -19.14 -7.40 15.08
CA ASP A 295 -20.42 -7.41 15.80
C ASP A 295 -21.46 -6.54 15.10
N ASP A 296 -21.06 -5.31 14.76
CA ASP A 296 -21.96 -4.35 14.13
C ASP A 296 -22.40 -4.89 12.76
N LEU A 297 -21.48 -5.51 12.04
CA LEU A 297 -21.82 -6.04 10.73
C LEU A 297 -22.78 -7.21 10.86
N LYS A 298 -22.54 -8.08 11.84
CA LYS A 298 -23.40 -9.24 12.04
C LYS A 298 -24.87 -8.87 12.11
N VAL A 299 -25.19 -7.80 12.83
CA VAL A 299 -26.58 -7.42 13.03
C VAL A 299 -27.13 -6.66 11.83
N GLN A 300 -26.25 -6.32 10.90
CA GLN A 300 -26.63 -5.50 9.74
C GLN A 300 -26.65 -6.27 8.43
N GLU A 301 -26.37 -7.58 8.47
CA GLU A 301 -26.27 -8.38 7.25
C GLU A 301 -27.57 -8.44 6.43
N THR A 302 -28.70 -8.15 7.05
CA THR A 302 -29.99 -8.22 6.36
C THR A 302 -30.17 -7.08 5.36
N ILE A 303 -29.64 -5.90 5.69
CA ILE A 303 -29.65 -4.76 4.79
C ILE A 303 -28.75 -5.01 3.57
N LYS A 304 -29.19 -4.55 2.40
CA LYS A 304 -28.39 -4.73 1.18
C LYS A 304 -28.16 -3.41 0.45
N LYS A 305 -28.06 -2.33 1.22
CA LYS A 305 -27.51 -1.08 0.71
C LYS A 305 -26.06 -1.32 0.32
N ARG A 306 -25.62 -0.68 -0.75
CA ARG A 306 -24.27 -0.79 -1.27
C ARG A 306 -23.22 -0.61 -0.20
N ILE A 307 -23.47 0.30 0.70
CA ILE A 307 -22.52 0.63 1.75
C ILE A 307 -22.27 -0.59 2.63
N ILE A 308 -23.29 -1.42 2.79
CA ILE A 308 -23.16 -2.64 3.58
C ILE A 308 -22.42 -3.73 2.79
N ASN A 309 -22.73 -3.87 1.50
CA ASN A 309 -22.04 -4.82 0.65
C ASN A 309 -20.56 -4.50 0.64
N MET A 310 -20.25 -3.22 0.47
CA MET A 310 -18.86 -2.77 0.49
C MET A 310 -18.17 -3.08 1.81
N GLU A 311 -18.83 -2.82 2.93
CA GLU A 311 -18.17 -3.06 4.23
C GLU A 311 -17.95 -4.56 4.48
N ILE A 312 -18.88 -5.39 4.03
CA ILE A 312 -18.69 -6.83 4.10
C ILE A 312 -17.45 -7.27 3.31
N MET A 313 -17.24 -6.69 2.14
CA MET A 313 -16.09 -7.07 1.33
C MET A 313 -14.79 -6.56 1.95
N GLU A 314 -14.86 -5.40 2.61
CA GLU A 314 -13.68 -4.89 3.30
C GLU A 314 -13.34 -5.71 4.55
N PHE A 315 -14.36 -6.17 5.26
CA PHE A 315 -14.12 -6.79 6.55
C PHE A 315 -14.07 -8.31 6.57
N TYR A 316 -14.90 -8.98 5.78
CA TYR A 316 -15.10 -10.40 5.98
C TYR A 316 -13.92 -11.22 5.46
N ILE A 317 -13.01 -10.59 4.73
CA ILE A 317 -11.81 -11.30 4.31
C ILE A 317 -10.80 -11.33 5.46
N LEU A 318 -10.96 -10.44 6.42
CA LEU A 318 -10.04 -10.34 7.51
C LEU A 318 -9.97 -11.54 8.41
N PRO A 319 -11.08 -12.06 8.88
CA PRO A 319 -10.99 -13.28 9.69
C PRO A 319 -10.45 -14.49 8.94
N LEU A 320 -10.57 -14.51 7.61
CA LEU A 320 -10.11 -15.64 6.83
C LEU A 320 -8.59 -15.61 6.77
N ILE A 321 -8.05 -14.44 6.50
CA ILE A 321 -6.61 -14.24 6.53
C ILE A 321 -6.08 -14.45 7.95
N GLY A 322 -6.78 -13.86 8.93
CA GLY A 322 -6.39 -13.99 10.33
C GLY A 322 -6.26 -15.43 10.78
N SER A 323 -7.23 -16.25 10.42
CA SER A 323 -7.25 -17.64 10.85
C SER A 323 -6.14 -18.48 10.24
N HIS A 324 -5.64 -18.09 9.07
CA HIS A 324 -4.51 -18.80 8.46
C HIS A 324 -3.19 -18.39 9.09
N ILE A 325 -2.99 -17.08 9.27
CA ILE A 325 -1.76 -16.59 9.85
C ILE A 325 -1.71 -16.81 11.37
N PHE A 326 -2.82 -16.49 12.05
CA PHE A 326 -2.89 -16.59 13.51
C PHE A 326 -4.00 -17.55 13.95
N PRO A 327 -3.84 -18.86 13.68
CA PRO A 327 -4.93 -19.82 13.90
C PRO A 327 -5.46 -19.84 15.33
N GLN A 328 -4.58 -19.73 16.32
CA GLN A 328 -4.98 -19.82 17.72
C GLN A 328 -5.85 -18.63 18.13
N THR A 329 -5.45 -17.44 17.68
CA THR A 329 -6.21 -16.23 17.97
C THR A 329 -7.63 -16.34 17.41
N TRP A 330 -7.78 -16.97 16.25
CA TRP A 330 -9.10 -17.03 15.62
C TRP A 330 -9.88 -18.32 15.90
N LYS A 331 -9.39 -19.11 16.85
CA LYS A 331 -10.16 -20.24 17.36
C LYS A 331 -10.75 -19.91 18.72
N ASN A 332 -10.29 -18.81 19.32
CA ASN A 332 -10.61 -18.49 20.70
C ASN A 332 -11.45 -17.23 20.93
N ASN A 333 -12.17 -16.77 19.91
CA ASN A 333 -13.00 -15.59 20.11
C ASN A 333 -14.46 -15.84 19.73
N ARG A 334 -15.31 -14.87 20.05
CA ARG A 334 -16.76 -15.01 19.86
C ARG A 334 -17.17 -15.17 18.40
N HIS A 335 -16.28 -14.84 17.48
CA HIS A 335 -16.56 -14.98 16.05
C HIS A 335 -15.93 -16.23 15.46
N SER A 336 -15.25 -17.02 16.30
CA SER A 336 -14.48 -18.15 15.83
C SER A 336 -15.33 -19.17 15.10
N ASP A 337 -16.54 -19.42 15.58
CA ASP A 337 -17.39 -20.42 14.95
C ASP A 337 -18.13 -19.87 13.71
N ARG A 338 -17.81 -18.65 13.31
CA ARG A 338 -18.46 -18.05 12.14
C ARG A 338 -17.54 -17.97 10.93
N LEU A 339 -16.42 -18.70 10.96
CA LEU A 339 -15.42 -18.60 9.89
C LEU A 339 -15.97 -19.02 8.52
N LYS A 340 -16.69 -20.13 8.46
CA LYS A 340 -17.29 -20.58 7.21
C LYS A 340 -18.31 -19.55 6.70
N HIS A 341 -19.03 -18.92 7.64
CA HIS A 341 -20.00 -17.88 7.30
C HIS A 341 -19.33 -16.66 6.65
N PHE A 342 -18.22 -16.21 7.21
CA PHE A 342 -17.48 -15.07 6.64
C PHE A 342 -17.11 -15.31 5.18
N GLN A 343 -16.64 -16.50 4.88
CA GLN A 343 -16.16 -16.83 3.55
C GLN A 343 -17.30 -16.93 2.55
N THR A 344 -18.37 -17.60 2.97
CA THR A 344 -19.48 -17.80 2.05
C THR A 344 -20.13 -16.46 1.71
N LEU A 345 -20.23 -15.57 2.70
CA LEU A 345 -20.90 -14.29 2.48
C LEU A 345 -19.99 -13.37 1.66
N LEU A 346 -18.71 -13.36 1.98
CA LEU A 346 -17.70 -12.67 1.17
C LEU A 346 -17.77 -13.10 -0.30
N PHE A 347 -17.76 -14.41 -0.53
CA PHE A 347 -17.75 -14.93 -1.90
C PHE A 347 -19.06 -14.61 -2.57
N ASP A 348 -20.16 -14.68 -1.82
CA ASP A 348 -21.49 -14.35 -2.38
C ASP A 348 -21.59 -12.87 -2.76
N LYS A 349 -21.12 -11.99 -1.88
CA LYS A 349 -21.13 -10.55 -2.18
C LYS A 349 -20.28 -10.27 -3.43
N ILE A 350 -19.14 -10.93 -3.53
CA ILE A 350 -18.26 -10.75 -4.69
C ILE A 350 -18.97 -11.17 -5.99
N GLU A 351 -19.70 -12.28 -5.94
CA GLU A 351 -20.40 -12.79 -7.12
C GLU A 351 -21.59 -11.92 -7.49
N ILE A 352 -22.33 -11.46 -6.49
CA ILE A 352 -23.59 -10.75 -6.73
C ILE A 352 -23.41 -9.23 -6.82
N ARG A 353 -22.40 -8.69 -6.14
CA ARG A 353 -22.32 -7.25 -5.94
C ARG A 353 -20.98 -6.66 -6.40
N TYR A 354 -20.32 -7.29 -7.37
CA TYR A 354 -18.99 -6.82 -7.76
C TYR A 354 -19.00 -5.49 -8.50
N ILE A 355 -20.09 -5.20 -9.21
CA ILE A 355 -20.14 -4.06 -10.12
C ILE A 355 -19.83 -2.71 -9.44
N LYS A 356 -20.54 -2.40 -8.37
CA LYS A 356 -20.33 -1.12 -7.68
C LYS A 356 -19.20 -1.18 -6.64
N ASN A 357 -18.64 -2.36 -6.42
CA ASN A 357 -17.67 -2.53 -5.34
C ASN A 357 -16.34 -3.10 -5.81
N ILE A 358 -16.08 -3.05 -7.12
CA ILE A 358 -14.93 -3.72 -7.69
C ILE A 358 -13.61 -3.17 -7.14
N SER A 359 -13.60 -1.90 -6.76
CA SER A 359 -12.39 -1.28 -6.25
C SER A 359 -11.96 -1.92 -4.92
N MET A 360 -12.93 -2.29 -4.10
CA MET A 360 -12.64 -2.96 -2.83
C MET A 360 -12.24 -4.42 -3.08
N ILE A 361 -12.77 -5.01 -4.14
CA ILE A 361 -12.43 -6.40 -4.47
C ILE A 361 -10.98 -6.46 -4.93
N PHE A 362 -10.60 -5.43 -5.67
CA PHE A 362 -9.24 -5.26 -6.13
C PHE A 362 -8.30 -5.17 -4.93
N GLN A 363 -8.66 -4.33 -3.97
CA GLN A 363 -7.84 -4.18 -2.77
C GLN A 363 -7.72 -5.51 -2.02
N ASP A 364 -8.83 -6.24 -1.93
CA ASP A 364 -8.85 -7.53 -1.26
C ASP A 364 -7.85 -8.51 -1.88
N LEU A 365 -7.77 -8.50 -3.21
CA LEU A 365 -6.84 -9.36 -3.95
C LEU A 365 -5.39 -9.07 -3.55
N ILE A 366 -5.01 -7.80 -3.59
CA ILE A 366 -3.63 -7.43 -3.23
C ILE A 366 -3.31 -7.69 -1.76
N LEU A 367 -4.24 -7.35 -0.87
CA LEU A 367 -4.11 -7.67 0.55
C LEU A 367 -3.81 -9.17 0.74
N LEU A 368 -4.61 -9.99 0.07
CA LEU A 368 -4.51 -11.45 0.17
C LEU A 368 -3.18 -11.98 -0.36
N ILE A 369 -2.77 -11.51 -1.54
CA ILE A 369 -1.46 -11.87 -2.09
C ILE A 369 -0.35 -11.49 -1.12
N GLY A 370 -0.38 -10.24 -0.67
CA GLY A 370 0.56 -9.78 0.33
C GLY A 370 0.52 -10.60 1.60
N SER A 371 -0.67 -11.01 2.03
CA SER A 371 -0.82 -11.77 3.26
C SER A 371 -0.15 -13.13 3.24
N PHE A 372 0.08 -13.70 2.06
CA PHE A 372 0.80 -14.97 1.98
C PHE A 372 2.25 -14.76 2.42
N HIS A 373 2.80 -13.60 2.10
CA HIS A 373 4.17 -13.29 2.48
C HIS A 373 4.21 -12.77 3.92
N MET A 374 3.13 -12.15 4.38
CA MET A 374 3.01 -11.86 5.82
C MET A 374 3.10 -13.17 6.59
N TYR A 375 2.34 -14.17 6.14
CA TYR A 375 2.36 -15.51 6.72
C TYR A 375 3.79 -16.05 6.85
N GLN A 376 4.59 -15.93 5.79
CA GLN A 376 5.92 -16.52 5.81
C GLN A 376 6.86 -15.76 6.73
N MET A 377 6.70 -14.45 6.80
CA MET A 377 7.54 -13.67 7.71
C MET A 377 7.14 -13.91 9.16
N ILE A 378 5.84 -14.08 9.40
CA ILE A 378 5.34 -14.20 10.77
C ILE A 378 5.53 -15.62 11.32
N ASN A 379 5.28 -16.63 10.49
CA ASN A 379 5.39 -18.01 10.94
C ASN A 379 6.71 -18.72 10.57
N GLY A 380 7.54 -18.05 9.79
CA GLY A 380 8.87 -18.54 9.46
C GLY A 380 8.91 -19.51 8.29
N VAL A 381 10.11 -19.99 7.98
CA VAL A 381 10.33 -20.98 6.94
C VAL A 381 9.72 -22.33 7.34
N SER A 382 8.86 -22.88 6.50
CA SER A 382 8.21 -24.15 6.80
C SER A 382 9.23 -25.27 6.91
N SER A 383 9.02 -26.16 7.88
CA SER A 383 9.97 -27.24 8.17
C SER A 383 9.26 -28.55 8.45
N ASN A 384 8.40 -28.55 9.47
CA ASN A 384 7.54 -29.68 9.80
C ASN A 384 6.65 -30.09 8.63
N ILE A 385 6.17 -31.34 8.67
CA ILE A 385 5.12 -31.75 7.75
C ILE A 385 3.87 -30.90 8.00
N ARG A 386 3.63 -30.58 9.27
CA ARG A 386 2.47 -29.81 9.66
C ARG A 386 2.54 -28.35 9.19
N SER A 387 3.73 -27.77 9.23
CA SER A 387 3.89 -26.38 8.82
C SER A 387 3.82 -26.25 7.32
N ILE A 388 4.26 -27.29 6.60
CA ILE A 388 4.08 -27.33 5.15
C ILE A 388 2.60 -27.39 4.78
N GLN A 389 1.84 -28.21 5.50
CA GLN A 389 0.43 -28.39 5.20
C GLN A 389 -0.39 -27.12 5.54
N SER A 390 -0.04 -26.45 6.63
CA SER A 390 -0.67 -25.20 7.01
C SER A 390 -0.44 -24.12 5.96
N GLU A 391 0.80 -24.02 5.50
CA GLU A 391 1.16 -23.07 4.46
C GLU A 391 0.44 -23.43 3.15
N THR A 392 0.37 -24.72 2.85
CA THR A 392 -0.32 -25.20 1.64
C THR A 392 -1.83 -24.89 1.71
N LYS A 393 -2.42 -25.05 2.89
CA LYS A 393 -3.84 -24.75 3.08
C LYS A 393 -4.15 -23.28 2.78
N PHE A 394 -3.23 -22.38 3.13
CA PHE A 394 -3.44 -20.95 2.88
C PHE A 394 -3.38 -20.67 1.39
N LEU A 395 -2.40 -21.27 0.72
CA LEU A 395 -2.20 -21.09 -0.71
C LEU A 395 -3.42 -21.62 -1.47
N GLU A 396 -3.97 -22.73 -0.98
CA GLU A 396 -5.18 -23.29 -1.56
C GLU A 396 -6.34 -22.31 -1.47
N PHE A 397 -6.53 -21.71 -0.29
CA PHE A 397 -7.58 -20.72 -0.10
C PHE A 397 -7.36 -19.53 -1.04
N ILE A 398 -6.11 -19.11 -1.16
CA ILE A 398 -5.80 -17.98 -2.02
C ILE A 398 -6.20 -18.28 -3.47
N PHE A 399 -5.87 -19.48 -3.94
CA PHE A 399 -6.20 -19.81 -5.32
C PHE A 399 -7.70 -20.09 -5.49
N LYS A 400 -8.36 -20.49 -4.41
CA LYS A 400 -9.81 -20.57 -4.41
C LYS A 400 -10.40 -19.18 -4.68
N PHE A 401 -9.83 -18.17 -4.03
CA PHE A 401 -10.24 -16.77 -4.21
C PHE A 401 -10.01 -16.32 -5.66
N PHE A 402 -8.83 -16.65 -6.18
CA PHE A 402 -8.48 -16.39 -7.59
C PHE A 402 -9.53 -16.96 -8.55
N THR A 403 -9.78 -18.26 -8.45
CA THR A 403 -10.70 -18.91 -9.39
C THR A 403 -12.12 -18.36 -9.22
N HIS A 404 -12.49 -18.00 -8.00
CA HIS A 404 -13.78 -17.35 -7.78
C HIS A 404 -13.82 -16.00 -8.52
N LEU A 405 -12.78 -15.19 -8.33
CA LEU A 405 -12.63 -13.94 -9.07
C LEU A 405 -12.70 -14.13 -10.57
N ILE A 406 -11.96 -15.10 -11.07
CA ILE A 406 -11.93 -15.35 -12.50
C ILE A 406 -13.29 -15.86 -13.01
N ASP A 407 -13.79 -16.90 -12.38
CA ASP A 407 -15.02 -17.54 -12.84
C ASP A 407 -16.24 -16.62 -12.73
N LYS A 408 -16.39 -15.91 -11.62
CA LYS A 408 -17.64 -15.19 -11.41
C LYS A 408 -17.55 -13.70 -11.74
N VAL A 409 -16.35 -13.18 -11.93
CA VAL A 409 -16.24 -11.73 -12.15
C VAL A 409 -15.56 -11.38 -13.47
N ILE A 410 -14.28 -11.71 -13.58
CA ILE A 410 -13.51 -11.33 -14.77
C ILE A 410 -14.09 -11.96 -16.03
N MET A 411 -14.55 -13.20 -15.94
CA MET A 411 -15.17 -13.87 -17.08
C MET A 411 -16.43 -13.15 -17.55
N LYS A 412 -17.10 -12.46 -16.63
CA LYS A 412 -18.31 -11.72 -16.98
C LYS A 412 -17.99 -10.29 -17.41
N GLU A 413 -16.72 -9.89 -17.34
CA GLU A 413 -16.36 -8.49 -17.59
C GLU A 413 -15.11 -8.27 -18.44
N PHE A 414 -14.66 -9.29 -19.16
CA PHE A 414 -13.37 -9.18 -19.86
C PHE A 414 -13.46 -8.22 -21.04
N LYS A 415 -14.68 -7.85 -21.46
CA LYS A 415 -14.86 -6.89 -22.54
C LYS A 415 -15.04 -5.45 -22.04
N ASN A 416 -15.14 -5.31 -20.73
CA ASN A 416 -15.40 -4.00 -20.12
C ASN A 416 -14.20 -3.05 -20.28
N CYS A 417 -14.36 -2.05 -21.13
CA CYS A 417 -13.30 -1.07 -21.39
C CYS A 417 -13.35 0.11 -20.41
N GLU A 418 -14.38 0.18 -19.59
CA GLU A 418 -14.55 1.31 -18.67
C GLU A 418 -13.81 1.13 -17.35
N MET A 419 -13.68 -0.10 -16.89
CA MET A 419 -13.08 -0.35 -15.60
C MET A 419 -11.78 -1.15 -15.74
N PHE A 420 -10.67 -0.54 -15.35
CA PHE A 420 -9.36 -1.16 -15.51
C PHE A 420 -9.23 -2.38 -14.63
N GLN A 421 -9.98 -2.44 -13.54
CA GLN A 421 -9.71 -3.43 -12.48
C GLN A 421 -9.85 -4.87 -12.93
N TYR A 422 -10.78 -5.12 -13.85
CA TYR A 422 -11.08 -6.49 -14.25
C TYR A 422 -9.88 -7.22 -14.84
N LEU A 423 -9.26 -6.63 -15.86
CA LEU A 423 -8.08 -7.26 -16.45
C LEU A 423 -6.81 -6.97 -15.64
N ALA A 424 -6.82 -5.88 -14.88
CA ALA A 424 -5.69 -5.57 -13.99
C ALA A 424 -5.50 -6.64 -12.94
N MET A 425 -6.60 -7.18 -12.43
CA MET A 425 -6.54 -8.25 -11.44
C MET A 425 -5.91 -9.51 -12.04
N ALA A 426 -6.25 -9.82 -13.28
CA ALA A 426 -5.60 -10.96 -13.96
C ALA A 426 -4.10 -10.72 -14.13
N ARG A 427 -3.69 -9.50 -14.45
CA ARG A 427 -2.27 -9.18 -14.62
C ARG A 427 -1.50 -9.42 -13.33
N ILE A 428 -2.12 -8.99 -12.25
CA ILE A 428 -1.51 -9.04 -10.94
C ILE A 428 -1.31 -10.49 -10.45
N MET A 429 -2.31 -11.33 -10.69
CA MET A 429 -2.19 -12.75 -10.40
C MET A 429 -0.99 -13.37 -11.13
N MET A 430 -0.91 -13.14 -12.44
CA MET A 430 0.14 -13.71 -13.25
C MET A 430 1.51 -13.16 -12.87
N CYS A 431 1.58 -11.87 -12.60
CA CYS A 431 2.85 -11.26 -12.22
C CYS A 431 3.32 -11.79 -10.88
N TRP A 432 2.38 -12.02 -9.97
CA TRP A 432 2.72 -12.62 -8.68
C TRP A 432 3.23 -14.04 -8.89
N ILE A 433 2.46 -14.82 -9.64
CA ILE A 433 2.76 -16.23 -9.85
C ILE A 433 4.14 -16.42 -10.48
N LYS A 434 4.49 -15.60 -11.47
CA LYS A 434 5.79 -15.73 -12.13
C LYS A 434 6.97 -15.31 -11.24
N SER A 435 6.67 -14.72 -10.09
CA SER A 435 7.71 -14.14 -9.23
C SER A 435 8.23 -15.10 -8.17
N HIS A 436 7.52 -16.20 -7.94
CA HIS A 436 7.89 -17.10 -6.86
C HIS A 436 7.76 -18.56 -7.31
N LYS A 437 8.86 -19.29 -7.30
CA LYS A 437 8.90 -20.66 -7.77
C LYS A 437 7.86 -21.56 -7.09
N ASN A 438 7.76 -21.45 -5.76
CA ASN A 438 6.79 -22.25 -5.03
C ASN A 438 5.35 -21.94 -5.45
N VAL A 439 5.06 -20.67 -5.73
CA VAL A 439 3.72 -20.28 -6.10
C VAL A 439 3.43 -20.73 -7.52
N LEU A 440 4.41 -20.58 -8.40
CA LEU A 440 4.34 -21.08 -9.77
C LEU A 440 4.06 -22.57 -9.81
N LYS A 441 4.74 -23.34 -8.96
CA LYS A 441 4.54 -24.78 -8.95
C LYS A 441 3.13 -25.16 -8.49
N PHE A 442 2.63 -24.50 -7.45
CA PHE A 442 1.28 -24.74 -6.96
C PHE A 442 0.25 -24.41 -8.06
N ALA A 443 0.45 -23.27 -8.71
CA ALA A 443 -0.46 -22.79 -9.75
C ALA A 443 -0.50 -23.74 -10.96
N HIS A 444 0.68 -24.20 -11.36
CA HIS A 444 0.84 -25.17 -12.46
C HIS A 444 0.14 -26.50 -12.19
N ARG A 445 -0.01 -26.82 -10.90
CA ARG A 445 -0.63 -28.08 -10.51
C ARG A 445 -2.06 -27.92 -10.00
N SER A 446 -2.57 -26.69 -10.03
CA SER A 446 -3.94 -26.41 -9.60
C SER A 446 -4.93 -26.57 -10.75
N THR A 447 -5.78 -27.60 -10.69
CA THR A 447 -6.69 -27.88 -11.80
C THR A 447 -7.74 -26.78 -11.94
N SER A 448 -8.28 -26.32 -10.82
CA SER A 448 -9.28 -25.26 -10.85
C SER A 448 -8.69 -23.98 -11.43
N PHE A 449 -7.49 -23.61 -11.00
CA PHE A 449 -6.89 -22.37 -11.48
C PHE A 449 -6.50 -22.47 -12.95
N CYS A 450 -5.88 -23.58 -13.35
CA CYS A 450 -5.55 -23.79 -14.76
C CYS A 450 -6.79 -23.81 -15.64
N GLN A 451 -7.84 -24.47 -15.17
CA GLN A 451 -9.11 -24.44 -15.91
C GLN A 451 -9.62 -23.01 -16.08
N SER A 452 -9.54 -22.21 -15.01
CA SER A 452 -10.01 -20.82 -15.06
C SER A 452 -9.22 -19.98 -16.05
N MET A 453 -7.89 -20.13 -16.06
CA MET A 453 -7.06 -19.34 -16.96
C MET A 453 -7.25 -19.76 -18.41
N VAL A 454 -7.50 -21.04 -18.63
CA VAL A 454 -7.84 -21.55 -19.96
C VAL A 454 -9.12 -20.91 -20.50
N ASN A 455 -10.16 -20.85 -19.66
CA ASN A 455 -11.43 -20.24 -20.04
C ASN A 455 -11.26 -18.76 -20.35
N LEU A 456 -10.49 -18.06 -19.51
CA LEU A 456 -10.25 -16.63 -19.69
C LEU A 456 -9.42 -16.40 -20.95
N THR A 457 -8.35 -17.17 -21.09
CA THR A 457 -7.47 -17.02 -22.24
C THR A 457 -8.24 -17.29 -23.53
N ASN A 458 -9.09 -18.32 -23.53
CA ASN A 458 -9.90 -18.64 -24.72
C ASN A 458 -10.87 -17.51 -25.08
N GLU A 459 -11.45 -16.85 -24.08
CA GLU A 459 -12.32 -15.70 -24.34
C GLU A 459 -11.50 -14.54 -24.91
N LEU A 460 -10.31 -14.35 -24.37
CA LEU A 460 -9.45 -13.28 -24.85
C LEU A 460 -9.03 -13.53 -26.30
N LEU A 461 -8.64 -14.76 -26.61
CA LEU A 461 -8.26 -15.12 -27.98
C LEU A 461 -9.41 -14.90 -28.96
N SER A 462 -10.64 -15.03 -28.49
CA SER A 462 -11.80 -14.83 -29.37
C SER A 462 -12.13 -13.35 -29.56
N SER A 463 -11.54 -12.50 -28.73
CA SER A 463 -11.75 -11.05 -28.83
C SER A 463 -10.97 -10.45 -30.00
N HIS A 474 4.55 -11.78 -29.98
CA HIS A 474 5.47 -11.82 -28.85
C HIS A 474 5.14 -10.71 -27.84
N ARG A 475 6.07 -10.45 -26.93
CA ARG A 475 5.85 -9.60 -25.76
C ARG A 475 5.41 -8.17 -26.09
N PRO A 476 4.24 -7.78 -25.58
CA PRO A 476 3.68 -6.44 -25.82
C PRO A 476 4.50 -5.33 -25.16
N THR A 477 4.40 -4.12 -25.70
CA THR A 477 5.04 -2.96 -25.10
C THR A 477 4.05 -1.82 -24.96
N ARG A 478 4.55 -0.69 -24.48
CA ARG A 478 3.70 0.44 -24.10
C ARG A 478 4.55 1.67 -23.80
N ASP A 479 3.90 2.80 -23.61
CA ASP A 479 4.63 4.06 -23.44
C ASP A 479 4.54 4.63 -22.04
N TYR A 480 3.71 4.03 -21.19
CA TYR A 480 3.52 4.53 -19.84
C TYR A 480 2.90 3.49 -18.92
N PHE A 481 2.95 3.76 -17.61
CA PHE A 481 2.39 2.86 -16.60
C PHE A 481 0.87 2.99 -16.52
N TYR A 482 0.20 1.88 -16.25
CA TYR A 482 -1.25 1.88 -16.05
C TYR A 482 -1.58 1.99 -14.55
N GLU A 483 -2.87 2.14 -14.23
CA GLU A 483 -3.29 2.36 -12.85
C GLU A 483 -2.74 1.32 -11.91
N GLU A 484 -2.87 0.05 -12.29
CA GLU A 484 -2.43 -1.03 -11.42
C GLU A 484 -0.90 -1.05 -11.29
N ASP A 485 -0.19 -0.61 -12.32
CA ASP A 485 1.27 -0.50 -12.24
C ASP A 485 1.65 0.51 -11.17
N ILE A 486 1.05 1.69 -11.28
CA ILE A 486 1.32 2.79 -10.36
C ILE A 486 1.05 2.39 -8.91
N MET A 487 -0.08 1.71 -8.69
CA MET A 487 -0.48 1.33 -7.34
C MET A 487 0.53 0.39 -6.69
N LEU A 488 1.13 -0.49 -7.49
CA LEU A 488 1.99 -1.55 -6.96
C LEU A 488 3.50 -1.30 -7.09
N LYS A 489 3.89 -0.07 -7.43
CA LYS A 489 5.32 0.24 -7.53
C LYS A 489 6.01 -0.08 -6.20
N GLU A 490 7.12 -0.83 -6.27
CA GLU A 490 7.93 -1.24 -5.11
C GLU A 490 7.26 -2.26 -4.18
N PHE A 491 6.14 -2.82 -4.63
CA PHE A 491 5.48 -3.93 -3.94
C PHE A 491 6.32 -5.20 -4.09
N GLY A 492 6.84 -5.72 -2.98
CA GLY A 492 7.72 -6.88 -3.00
C GLY A 492 7.21 -8.15 -3.67
N PRO A 493 5.97 -8.56 -3.38
CA PRO A 493 5.53 -9.84 -3.96
C PRO A 493 5.48 -9.90 -5.49
N THR A 494 5.37 -8.75 -6.16
CA THR A 494 5.41 -8.73 -7.62
C THR A 494 6.79 -8.23 -8.07
N LYS A 495 7.75 -8.25 -7.14
CA LYS A 495 9.13 -7.84 -7.41
C LYS A 495 9.27 -6.40 -7.86
N PHE A 496 8.45 -5.53 -7.28
CA PHE A 496 8.65 -4.07 -7.27
C PHE A 496 8.13 -3.41 -8.54
N THR A 497 7.84 -4.22 -9.56
CA THR A 497 7.25 -3.69 -10.79
C THR A 497 6.60 -4.86 -11.56
N LEU A 498 5.42 -4.64 -12.12
CA LEU A 498 4.75 -5.68 -12.91
C LEU A 498 5.54 -5.93 -14.20
N SER A 499 6.15 -7.11 -14.30
CA SER A 499 7.08 -7.41 -15.38
C SER A 499 6.50 -8.26 -16.53
N ASP A 500 5.18 -8.19 -16.76
CA ASP A 500 4.58 -8.89 -17.90
C ASP A 500 4.85 -8.14 -19.21
N PHE A 501 4.75 -6.82 -19.18
CA PHE A 501 5.18 -6.01 -20.31
C PHE A 501 6.70 -5.98 -20.37
N ASN A 502 7.24 -5.61 -21.53
CA ASN A 502 8.66 -5.29 -21.62
C ASN A 502 8.82 -3.77 -21.65
N ASP A 503 9.05 -3.18 -20.48
CA ASP A 503 9.16 -1.73 -20.35
C ASP A 503 10.62 -1.30 -20.55
N GLU A 504 11.39 -2.20 -21.17
CA GLU A 504 12.79 -1.99 -21.46
C GLU A 504 13.07 -0.59 -22.02
N LYS A 505 12.37 -0.25 -23.10
CA LYS A 505 12.59 1.00 -23.80
C LYS A 505 12.13 2.27 -23.07
N LEU A 506 11.27 2.14 -22.08
CA LEU A 506 10.79 3.30 -21.37
C LEU A 506 11.88 4.16 -20.80
N LEU A 507 12.94 3.54 -20.34
CA LEU A 507 14.02 4.26 -19.68
C LEU A 507 14.77 5.18 -20.64
N SER A 508 14.71 4.87 -21.93
CA SER A 508 15.36 5.69 -22.93
C SER A 508 14.41 6.74 -23.50
N MET A 509 13.18 6.78 -22.99
CA MET A 509 12.19 7.75 -23.45
C MET A 509 12.17 8.99 -22.57
N ASP A 510 11.58 10.07 -23.09
CA ASP A 510 11.50 11.35 -22.41
C ASP A 510 10.40 11.37 -21.35
N ASN A 511 10.48 12.33 -20.44
CA ASN A 511 9.46 12.53 -19.40
C ASN A 511 9.20 11.27 -18.62
N LEU A 512 10.25 10.53 -18.32
CA LEU A 512 10.14 9.22 -17.67
C LEU A 512 9.37 9.26 -16.33
N PRO A 513 9.68 10.25 -15.45
CA PRO A 513 8.91 10.30 -14.20
C PRO A 513 7.41 10.40 -14.42
N ASP A 514 6.99 11.23 -15.36
CA ASP A 514 5.56 11.36 -15.67
C ASP A 514 5.02 10.06 -16.27
N ARG A 515 5.82 9.40 -17.10
CA ARG A 515 5.40 8.13 -17.70
C ARG A 515 5.08 7.09 -16.66
N LEU A 516 5.87 7.09 -15.60
CA LEU A 516 5.76 6.08 -14.55
C LEU A 516 4.68 6.46 -13.53
N VAL A 517 3.98 7.56 -13.76
CA VAL A 517 2.78 7.87 -12.98
C VAL A 517 1.59 8.12 -13.90
N GLY A 518 1.62 7.48 -15.08
CA GLY A 518 0.50 7.48 -15.99
C GLY A 518 0.33 8.72 -16.87
N LYS A 519 1.26 9.66 -16.78
CA LYS A 519 1.14 10.91 -17.54
C LYS A 519 2.09 10.98 -18.72
N SER A 520 1.53 11.21 -19.90
CA SER A 520 2.34 11.34 -21.12
C SER A 520 1.54 12.02 -22.23
N LYS A 521 2.24 12.42 -23.29
CA LYS A 521 1.60 13.01 -24.45
C LYS A 521 0.78 11.94 -25.19
N ASN A 522 1.28 10.72 -25.16
CA ASN A 522 0.58 9.60 -25.75
C ASN A 522 -0.25 8.86 -24.70
N LYS A 523 -1.41 9.42 -24.37
CA LYS A 523 -2.37 8.68 -23.57
C LYS A 523 -3.37 8.01 -24.49
N LEU A 524 -3.61 6.74 -24.23
CA LEU A 524 -4.50 5.95 -25.08
C LEU A 524 -5.93 6.01 -24.57
N THR A 525 -6.89 5.72 -25.43
CA THR A 525 -8.27 5.61 -25.01
C THR A 525 -8.42 4.48 -23.99
N ALA A 526 -9.51 4.48 -23.25
CA ALA A 526 -9.78 3.40 -22.32
C ALA A 526 -9.84 2.07 -23.08
N LYS A 527 -10.35 2.14 -24.30
CA LYS A 527 -10.48 0.98 -25.18
C LYS A 527 -9.10 0.44 -25.56
N GLU A 528 -8.23 1.34 -26.04
CA GLU A 528 -6.88 0.97 -26.40
C GLU A 528 -6.14 0.40 -25.20
N GLU A 529 -6.29 1.01 -24.03
CA GLU A 529 -5.64 0.50 -22.83
C GLU A 529 -6.15 -0.90 -22.51
N HIS A 530 -7.46 -1.11 -22.68
CA HIS A 530 -8.06 -2.43 -22.51
C HIS A 530 -7.46 -3.43 -23.51
N SER A 531 -7.28 -2.99 -24.75
CA SER A 531 -6.67 -3.83 -25.78
C SER A 531 -5.23 -4.21 -25.40
N SER A 532 -4.48 -3.23 -24.93
CA SER A 532 -3.13 -3.47 -24.43
C SER A 532 -3.08 -4.50 -23.30
N ARG A 533 -4.02 -4.43 -22.36
CA ARG A 533 -4.09 -5.43 -21.28
C ARG A 533 -4.44 -6.82 -21.82
N VAL A 534 -5.30 -6.87 -22.83
CA VAL A 534 -5.68 -8.13 -23.45
C VAL A 534 -4.45 -8.81 -24.02
N GLN A 535 -3.64 -8.05 -24.75
CA GLN A 535 -2.43 -8.60 -25.36
C GLN A 535 -1.46 -9.14 -24.32
N VAL A 536 -1.18 -8.36 -23.28
CA VAL A 536 -0.22 -8.79 -22.28
C VAL A 536 -0.74 -9.99 -21.50
N LEU A 537 -2.05 -10.11 -21.38
CA LEU A 537 -2.63 -11.23 -20.65
C LEU A 537 -2.56 -12.50 -21.47
N VAL A 538 -2.83 -12.39 -22.78
CA VAL A 538 -2.73 -13.53 -23.67
C VAL A 538 -1.28 -14.03 -23.67
N TYR A 539 -0.33 -13.11 -23.70
CA TYR A 539 1.08 -13.45 -23.69
C TYR A 539 1.53 -14.14 -22.39
N SER A 540 1.14 -13.56 -21.26
CA SER A 540 1.52 -14.14 -19.98
C SER A 540 0.83 -15.48 -19.77
N ASN A 541 -0.45 -15.54 -20.11
CA ASN A 541 -1.19 -16.77 -19.94
C ASN A 541 -0.65 -17.91 -20.80
N LYS A 542 -0.26 -17.60 -22.03
CA LYS A 542 0.34 -18.63 -22.87
C LYS A 542 1.68 -19.13 -22.28
N LYS A 543 2.48 -18.23 -21.71
CA LYS A 543 3.76 -18.65 -21.13
C LYS A 543 3.48 -19.53 -19.92
N PHE A 544 2.48 -19.14 -19.13
CA PHE A 544 2.12 -19.90 -17.94
C PHE A 544 1.65 -21.30 -18.28
N LEU A 545 0.80 -21.39 -19.30
CA LEU A 545 0.13 -22.63 -19.64
C LEU A 545 1.09 -23.60 -20.31
N GLU A 546 2.19 -23.06 -20.83
CA GLU A 546 3.19 -23.87 -21.52
C GLU A 546 3.60 -25.08 -20.70
N LYS A 547 3.79 -24.91 -19.40
CA LYS A 547 4.25 -26.02 -18.57
C LYS A 547 3.29 -26.38 -17.44
N ASN A 548 1.98 -26.20 -17.66
CA ASN A 548 1.00 -26.60 -16.66
C ASN A 548 1.01 -28.11 -16.54
N CYS A 549 0.58 -28.63 -15.40
CA CYS A 549 0.63 -30.07 -15.14
C CYS A 549 -0.76 -30.66 -15.08
N CYS A 550 -1.73 -29.96 -15.66
CA CYS A 550 -3.12 -30.38 -15.56
C CYS A 550 -3.71 -30.75 -16.92
N GLY A 551 -2.83 -31.01 -17.89
CA GLY A 551 -3.25 -31.56 -19.17
C GLY A 551 -3.81 -30.59 -20.20
N PHE A 552 -3.71 -29.29 -19.94
CA PHE A 552 -4.23 -28.32 -20.90
C PHE A 552 -3.19 -28.00 -21.98
N LYS A 553 -3.66 -27.93 -23.23
CA LYS A 553 -2.79 -27.77 -24.40
C LYS A 553 -3.50 -26.97 -25.47
N LEU A 554 -2.73 -26.34 -26.34
CA LEU A 554 -3.30 -25.59 -27.46
C LEU A 554 -3.66 -26.51 -28.62
N ASP A 555 -4.95 -26.59 -28.93
CA ASP A 555 -5.44 -27.27 -30.13
C ASP A 555 -5.10 -26.36 -31.31
N THR A 556 -4.19 -26.81 -32.17
CA THR A 556 -3.62 -25.94 -33.20
C THR A 556 -4.54 -25.76 -34.40
N GLU A 557 -5.61 -26.53 -34.47
CA GLU A 557 -6.63 -26.33 -35.50
C GLU A 557 -7.67 -25.30 -35.02
N LYS A 558 -8.18 -25.51 -33.81
CA LYS A 558 -9.09 -24.56 -33.18
C LYS A 558 -8.40 -23.27 -32.79
N LYS A 559 -7.10 -23.37 -32.52
CA LYS A 559 -6.30 -22.28 -31.93
C LYS A 559 -6.85 -21.87 -30.58
N ARG A 560 -7.31 -22.86 -29.81
CA ARG A 560 -7.78 -22.63 -28.45
C ARG A 560 -7.25 -23.70 -27.52
N TYR A 561 -7.25 -23.40 -26.21
CA TYR A 561 -6.80 -24.36 -25.22
C TYR A 561 -7.91 -25.36 -24.88
N VAL A 562 -7.54 -26.63 -24.90
CA VAL A 562 -8.45 -27.73 -24.56
C VAL A 562 -7.79 -28.62 -23.50
N HIS A 563 -8.57 -29.46 -22.85
CA HIS A 563 -8.00 -30.42 -21.91
C HIS A 563 -7.68 -31.73 -22.62
N THR A 564 -6.51 -32.29 -22.35
CA THR A 564 -6.05 -33.48 -23.04
C THR A 564 -5.62 -34.58 -22.07
N ALA A 565 -5.50 -35.79 -22.62
CA ALA A 565 -4.84 -36.90 -21.95
C ALA A 565 -4.23 -37.78 -23.03
N VAL A 566 -3.30 -38.64 -22.64
CA VAL A 566 -2.57 -39.45 -23.62
C VAL A 566 -3.35 -40.71 -24.02
N LYS A 567 -4.40 -41.02 -23.26
CA LYS A 567 -5.24 -42.18 -23.55
C LYS A 567 -6.72 -41.82 -23.57
N ILE B 1 24.77 2.03 -1.07
CA ILE B 1 24.59 0.77 -1.79
C ILE B 1 23.16 0.62 -2.29
N VAL B 2 22.20 1.07 -1.49
CA VAL B 2 20.78 0.93 -1.83
C VAL B 2 20.14 2.27 -2.20
N ASN B 3 19.60 2.33 -3.41
CA ASN B 3 18.90 3.50 -3.90
C ASN B 3 17.39 3.36 -3.66
N PRO B 4 16.81 4.27 -2.87
CA PRO B 4 15.40 4.20 -2.47
C PRO B 4 14.41 4.65 -3.55
N LEU B 5 14.92 5.32 -4.58
CA LEU B 5 14.04 5.80 -5.64
C LEU B 5 13.64 4.65 -6.58
N PHE B 6 12.46 4.79 -7.19
CA PHE B 6 11.97 3.76 -8.09
C PHE B 6 12.84 3.64 -9.33
N GLN B 7 13.40 2.45 -9.55
CA GLN B 7 14.26 2.21 -10.70
C GLN B 7 13.64 1.14 -11.60
N LEU B 8 13.27 1.55 -12.80
CA LEU B 8 12.63 0.68 -13.76
C LEU B 8 13.57 -0.45 -14.22
N GLY B 9 14.86 -0.17 -14.28
CA GLY B 9 15.83 -1.19 -14.65
C GLY B 9 16.00 -2.21 -13.53
N LEU B 10 16.15 -3.48 -13.91
CA LEU B 10 16.34 -4.56 -12.93
C LEU B 10 17.65 -4.41 -12.18
N ASN B 20 11.76 -14.44 -14.85
CA ASN B 20 11.47 -15.82 -14.49
C ASN B 20 10.54 -16.47 -15.51
N GLU B 21 9.43 -15.79 -15.78
CA GLU B 21 8.50 -16.12 -16.85
C GLU B 21 8.14 -17.60 -16.96
N PHE B 22 7.76 -18.17 -15.81
CA PHE B 22 6.93 -19.37 -15.70
C PHE B 22 7.66 -20.69 -15.94
N ASP B 23 8.97 -20.71 -15.73
CA ASP B 23 9.73 -21.96 -15.70
C ASP B 23 9.95 -22.45 -14.27
N SER B 24 9.56 -23.68 -14.00
CA SER B 24 9.78 -24.28 -12.67
C SER B 24 11.28 -24.45 -12.39
N GLN B 25 12.05 -24.75 -13.44
CA GLN B 25 13.49 -24.86 -13.34
C GLN B 25 14.15 -23.53 -13.66
N THR B 26 15.02 -23.07 -12.76
CA THR B 26 15.71 -21.80 -12.96
C THR B 26 16.87 -21.98 -13.95
#